data_8K78
#
_entry.id   8K78
#
_cell.length_a   45.054
_cell.length_b   66.625
_cell.length_c   55.294
_cell.angle_alpha   90.00
_cell.angle_beta   107.00
_cell.angle_gamma   90.00
#
_symmetry.space_group_name_H-M   'P 1 21 1'
#
loop_
_entity.id
_entity.type
_entity.pdbx_description
1 polymer 'Hepatocyte growth factor receptor'
2 non-polymer Elzovantinib
3 water water
#
_entity_poly.entity_id   1
_entity_poly.type   'polypeptide(L)'
_entity_poly.pdbx_seq_one_letter_code
;GDSDISSPLLQNTVHIDLSALNPELVQAVQHVVIGPSSLIVHFNEVIGRGHFGCVYHGTLLDNDGKKIHCAVKSLNRITD
IGEVSQFLTEGIIMKDFSHPNVLSLLGICLRSEGSPLVVLPYMKHGDLRNFIRNETHNPTVKDLIGFGLQVAKGMKYLAS
KKFVHRDLAARNCMLDEKFTVKVADFGLARDMYDKEYYSVHNKTGAKLPVKWMALESLQTQKFTTKSDVWSFGVLLWELM
TRGAPPYPDVNTFDITVYLLQGRRLLQPEYCPDPLYEVMLKCWHPKAEMRPSFSELVSRISAIFSTFIG
;
_entity_poly.pdbx_strand_id   A
#
loop_
_chem_comp.id
_chem_comp.type
_chem_comp.name
_chem_comp.formula
IYC non-polymer Elzovantinib 'C20 H20 F N7 O2'
#
# COMPACT_ATOMS: atom_id res chain seq x y z
N GLN A 11 -10.00 18.87 -19.16
CA GLN A 11 -11.39 18.90 -19.61
C GLN A 11 -12.28 19.63 -18.62
N ASN A 12 -13.39 20.19 -19.11
CA ASN A 12 -14.32 20.92 -18.28
C ASN A 12 -15.26 20.02 -17.49
N THR A 13 -15.13 18.70 -17.64
CA THR A 13 -15.99 17.77 -16.91
C THR A 13 -15.77 17.83 -15.41
N VAL A 14 -14.61 18.35 -14.97
CA VAL A 14 -14.31 18.39 -13.54
C VAL A 14 -15.27 19.34 -12.82
N HIS A 15 -15.49 20.52 -13.39
CA HIS A 15 -16.37 21.49 -12.75
C HIS A 15 -17.80 20.97 -12.61
N ILE A 16 -18.20 20.05 -13.49
CA ILE A 16 -19.57 19.56 -13.50
C ILE A 16 -19.66 18.28 -12.66
N ASP A 17 -18.92 17.25 -13.06
CA ASP A 17 -19.01 15.95 -12.40
C ASP A 17 -18.41 15.96 -11.00
N LEU A 18 -17.63 16.98 -10.64
CA LEU A 18 -17.04 17.10 -9.31
C LEU A 18 -17.20 18.53 -8.81
N SER A 19 -18.43 19.03 -8.83
CA SER A 19 -18.71 20.42 -8.47
C SER A 19 -18.60 20.67 -6.97
N ALA A 20 -18.30 19.65 -6.17
CA ALA A 20 -18.11 19.82 -4.73
C ALA A 20 -16.64 19.92 -4.35
N LEU A 21 -15.76 20.18 -5.32
CA LEU A 21 -14.33 20.21 -5.09
C LEU A 21 -13.84 21.64 -4.85
N ASN A 22 -12.90 21.77 -3.92
CA ASN A 22 -12.18 23.02 -3.70
C ASN A 22 -11.51 23.45 -5.01
N PRO A 23 -11.48 24.76 -5.30
CA PRO A 23 -10.89 25.21 -6.58
C PRO A 23 -9.51 24.66 -6.88
N GLU A 24 -8.57 24.68 -5.93
CA GLU A 24 -7.22 24.22 -6.22
C GLU A 24 -7.21 22.73 -6.53
N LEU A 25 -8.07 21.96 -5.87
CA LEU A 25 -8.16 20.53 -6.17
C LEU A 25 -8.78 20.30 -7.55
N VAL A 26 -9.68 21.19 -7.98
CA VAL A 26 -10.22 21.11 -9.34
C VAL A 26 -9.10 21.17 -10.36
N GLN A 27 -8.13 22.07 -10.15
CA GLN A 27 -6.99 22.15 -11.05
C GLN A 27 -6.09 20.93 -10.94
N ALA A 28 -6.02 20.32 -9.76
CA ALA A 28 -5.20 19.14 -9.58
C ALA A 28 -5.79 17.94 -10.31
N VAL A 29 -7.05 17.61 -10.04
CA VAL A 29 -7.70 16.49 -10.70
C VAL A 29 -7.85 16.73 -12.20
N GLN A 30 -7.86 17.99 -12.63
CA GLN A 30 -7.95 18.28 -14.06
C GLN A 30 -6.71 17.82 -14.80
N HIS A 31 -5.56 17.76 -14.13
CA HIS A 31 -4.32 17.32 -14.76
C HIS A 31 -4.27 15.82 -15.02
N VAL A 32 -5.28 15.06 -14.58
CA VAL A 32 -5.17 13.61 -14.57
C VAL A 32 -6.48 12.99 -15.04
N VAL A 33 -7.35 13.80 -15.62
CA VAL A 33 -8.63 13.30 -16.11
C VAL A 33 -8.42 12.45 -17.37
N ILE A 34 -9.15 11.34 -17.45
CA ILE A 34 -9.13 10.47 -18.62
C ILE A 34 -10.47 10.59 -19.32
N GLY A 35 -10.44 10.74 -20.64
CA GLY A 35 -11.65 10.77 -21.43
C GLY A 35 -12.34 9.42 -21.42
N PRO A 36 -13.68 9.45 -21.36
CA PRO A 36 -14.43 8.18 -21.35
C PRO A 36 -14.17 7.31 -22.58
N SER A 37 -13.89 7.92 -23.73
CA SER A 37 -13.60 7.17 -24.93
C SER A 37 -12.27 6.43 -24.85
N SER A 38 -11.42 6.78 -23.89
CA SER A 38 -10.12 6.14 -23.73
C SER A 38 -10.15 4.94 -22.80
N LEU A 39 -11.24 4.74 -22.06
CA LEU A 39 -11.32 3.70 -21.04
C LEU A 39 -12.48 2.76 -21.33
N ILE A 40 -12.22 1.47 -21.23
CA ILE A 40 -13.25 0.44 -21.31
C ILE A 40 -13.21 -0.31 -19.99
N VAL A 41 -14.29 -0.20 -19.22
CA VAL A 41 -14.37 -0.80 -17.89
C VAL A 41 -15.13 -2.12 -18.03
N HIS A 42 -14.43 -3.22 -17.79
CA HIS A 42 -15.04 -4.56 -17.85
C HIS A 42 -15.73 -4.82 -16.53
N PHE A 43 -16.94 -4.28 -16.38
CA PHE A 43 -17.71 -4.43 -15.15
C PHE A 43 -18.07 -5.89 -14.87
N ASN A 44 -18.09 -6.74 -15.89
CA ASN A 44 -18.34 -8.15 -15.69
C ASN A 44 -17.08 -8.93 -15.33
N GLU A 45 -15.91 -8.30 -15.37
CA GLU A 45 -14.65 -8.93 -15.01
C GLU A 45 -14.11 -8.28 -13.73
N VAL A 46 -14.78 -8.57 -12.61
CA VAL A 46 -14.37 -8.03 -11.33
C VAL A 46 -13.13 -8.76 -10.84
N ILE A 47 -12.09 -7.99 -10.51
CA ILE A 47 -10.87 -8.57 -9.94
C ILE A 47 -10.85 -8.51 -8.43
N GLY A 48 -11.83 -7.88 -7.80
CA GLY A 48 -11.88 -7.81 -6.36
C GLY A 48 -12.85 -6.76 -5.89
N ARG A 49 -13.03 -6.71 -4.57
CA ARG A 49 -13.91 -5.74 -3.95
C ARG A 49 -13.18 -4.97 -2.86
N GLY A 50 -13.93 -4.14 -2.13
CA GLY A 50 -13.36 -3.35 -1.06
C GLY A 50 -14.45 -2.56 -0.38
N HIS A 51 -14.07 -1.85 0.68
CA HIS A 51 -15.05 -1.08 1.43
C HIS A 51 -15.61 0.06 0.57
N PHE A 52 -14.73 0.81 -0.09
CA PHE A 52 -15.17 1.96 -0.88
C PHE A 52 -15.80 1.56 -2.20
N GLY A 53 -15.60 0.34 -2.67
CA GLY A 53 -16.18 -0.10 -3.91
C GLY A 53 -15.40 -1.26 -4.51
N CYS A 54 -15.75 -1.59 -5.75
CA CYS A 54 -15.17 -2.72 -6.45
C CYS A 54 -13.99 -2.28 -7.32
N VAL A 55 -13.15 -3.26 -7.64
CA VAL A 55 -12.03 -3.07 -8.56
C VAL A 55 -12.27 -3.98 -9.76
N TYR A 56 -12.46 -3.38 -10.92
CA TYR A 56 -12.75 -4.10 -12.15
C TYR A 56 -11.51 -4.22 -13.03
N HIS A 57 -11.66 -4.98 -14.11
CA HIS A 57 -10.68 -4.97 -15.18
C HIS A 57 -10.87 -3.76 -16.08
N GLY A 58 -9.79 -3.33 -16.71
CA GLY A 58 -9.83 -2.14 -17.54
C GLY A 58 -8.98 -2.29 -18.77
N THR A 59 -9.26 -1.44 -19.76
CA THR A 59 -8.51 -1.38 -21.01
C THR A 59 -8.34 0.08 -21.38
N LEU A 60 -7.23 0.67 -20.94
CA LEU A 60 -6.93 2.07 -21.21
C LEU A 60 -6.21 2.21 -22.54
N LEU A 61 -6.52 3.27 -23.27
CA LEU A 61 -5.91 3.56 -24.56
C LEU A 61 -5.08 4.83 -24.42
N ASP A 62 -3.76 4.70 -24.58
CA ASP A 62 -2.84 5.80 -24.36
C ASP A 62 -2.90 6.77 -25.54
N ASN A 63 -1.95 7.72 -25.57
CA ASN A 63 -1.95 8.73 -26.62
C ASN A 63 -1.61 8.12 -27.98
N ASP A 64 -0.57 7.29 -28.02
CA ASP A 64 -0.18 6.66 -29.29
C ASP A 64 -1.23 5.66 -29.76
N GLY A 65 -1.84 4.93 -28.82
CA GLY A 65 -2.87 3.97 -29.17
C GLY A 65 -2.71 2.64 -28.47
N LYS A 66 -1.74 2.56 -27.56
CA LYS A 66 -1.49 1.33 -26.84
C LYS A 66 -2.66 1.01 -25.91
N LYS A 67 -3.22 -0.19 -26.06
CA LYS A 67 -4.29 -0.68 -25.19
C LYS A 67 -3.64 -1.29 -23.97
N ILE A 68 -3.66 -0.56 -22.85
CA ILE A 68 -2.94 -0.95 -21.65
C ILE A 68 -3.92 -1.55 -20.65
N HIS A 69 -3.55 -2.71 -20.10
CA HIS A 69 -4.35 -3.33 -19.06
C HIS A 69 -4.29 -2.51 -17.78
N CYS A 70 -5.44 -2.31 -17.14
CA CYS A 70 -5.50 -1.47 -15.96
C CYS A 70 -6.59 -1.97 -15.01
N ALA A 71 -6.46 -1.60 -13.75
CA ALA A 71 -7.44 -1.92 -12.73
C ALA A 71 -8.19 -0.65 -12.35
N VAL A 72 -9.52 -0.70 -12.43
CA VAL A 72 -10.38 0.46 -12.21
C VAL A 72 -11.09 0.28 -10.88
N LYS A 73 -10.88 1.22 -9.96
CA LYS A 73 -11.47 1.18 -8.63
C LYS A 73 -12.75 2.01 -8.61
N SER A 74 -13.87 1.34 -8.34
CA SER A 74 -15.15 2.04 -8.18
C SER A 74 -15.26 2.61 -6.78
N LEU A 75 -15.89 3.78 -6.68
CA LEU A 75 -16.05 4.48 -5.42
C LEU A 75 -17.52 4.70 -5.07
N ASN A 76 -18.41 3.81 -5.55
CA ASN A 76 -19.83 4.05 -5.37
C ASN A 76 -20.29 3.88 -3.93
N ARG A 77 -19.52 3.18 -3.10
CA ARG A 77 -19.94 2.95 -1.73
C ARG A 77 -19.77 4.18 -0.84
N ILE A 78 -19.01 5.17 -1.28
CA ILE A 78 -18.93 6.44 -0.55
C ILE A 78 -20.21 7.22 -0.87
N THR A 79 -21.20 7.13 0.01
CA THR A 79 -22.49 7.75 -0.26
C THR A 79 -22.41 9.27 -0.22
N ASP A 80 -21.75 9.81 0.80
CA ASP A 80 -21.64 11.26 0.94
C ASP A 80 -20.78 11.82 -0.20
N ILE A 81 -21.38 12.70 -1.01
CA ILE A 81 -20.65 13.30 -2.11
C ILE A 81 -19.61 14.30 -1.63
N GLY A 82 -19.72 14.76 -0.38
CA GLY A 82 -18.67 15.59 0.19
C GLY A 82 -17.49 14.79 0.69
N GLU A 83 -17.70 13.52 1.05
CA GLU A 83 -16.59 12.66 1.44
C GLU A 83 -15.75 12.26 0.23
N VAL A 84 -16.37 12.13 -0.94
CA VAL A 84 -15.61 11.85 -2.15
C VAL A 84 -14.61 12.96 -2.42
N SER A 85 -15.00 14.21 -2.15
CA SER A 85 -14.07 15.32 -2.34
C SER A 85 -12.92 15.25 -1.35
N GLN A 86 -13.20 14.83 -0.11
CA GLN A 86 -12.12 14.67 0.86
C GLN A 86 -11.16 13.56 0.44
N PHE A 87 -11.71 12.45 -0.06
CA PHE A 87 -10.87 11.35 -0.52
C PHE A 87 -9.95 11.81 -1.64
N LEU A 88 -10.51 12.49 -2.65
CA LEU A 88 -9.69 13.05 -3.72
C LEU A 88 -8.73 14.12 -3.18
N THR A 89 -9.11 14.79 -2.10
CA THR A 89 -8.23 15.80 -1.51
C THR A 89 -7.01 15.17 -0.85
N GLU A 90 -7.20 14.02 -0.19
CA GLU A 90 -6.11 13.35 0.49
C GLU A 90 -5.26 12.49 -0.44
N GLY A 91 -5.77 12.09 -1.60
CA GLY A 91 -5.04 11.16 -2.43
C GLY A 91 -4.60 11.71 -3.77
N ILE A 92 -4.81 13.00 -4.02
CA ILE A 92 -4.44 13.55 -5.32
C ILE A 92 -2.93 13.73 -5.43
N ILE A 93 -2.23 13.86 -4.29
CA ILE A 93 -0.79 14.07 -4.32
C ILE A 93 -0.08 12.94 -5.04
N MET A 94 -0.69 11.75 -5.08
CA MET A 94 -0.04 10.60 -5.71
C MET A 94 0.20 10.80 -7.21
N LYS A 95 -0.45 11.78 -7.83
CA LYS A 95 -0.15 12.09 -9.23
C LYS A 95 1.27 12.60 -9.40
N ASP A 96 1.91 13.07 -8.33
CA ASP A 96 3.28 13.57 -8.39
C ASP A 96 4.31 12.49 -8.13
N PHE A 97 3.89 11.25 -7.84
CA PHE A 97 4.79 10.18 -7.46
C PHE A 97 5.14 9.34 -8.68
N SER A 98 6.43 9.19 -8.95
CA SER A 98 6.91 8.38 -10.07
C SER A 98 8.14 7.61 -9.60
N HIS A 99 7.94 6.34 -9.24
CA HIS A 99 9.04 5.49 -8.78
C HIS A 99 8.75 4.07 -9.24
N PRO A 100 9.77 3.33 -9.67
CA PRO A 100 9.53 1.95 -10.13
C PRO A 100 8.97 1.02 -9.07
N ASN A 101 9.13 1.34 -7.78
CA ASN A 101 8.63 0.49 -6.71
C ASN A 101 7.44 1.12 -5.97
N VAL A 102 6.71 1.99 -6.65
CA VAL A 102 5.53 2.63 -6.09
C VAL A 102 4.45 2.64 -7.16
N LEU A 103 3.27 2.13 -6.83
CA LEU A 103 2.17 2.06 -7.79
C LEU A 103 1.81 3.47 -8.27
N SER A 104 1.97 3.70 -9.57
CA SER A 104 1.65 4.98 -10.18
C SER A 104 0.14 5.09 -10.42
N LEU A 105 -0.29 6.31 -10.73
CA LEU A 105 -1.67 6.62 -11.03
C LEU A 105 -1.80 6.93 -12.52
N LEU A 106 -2.71 6.23 -13.19
CA LEU A 106 -2.93 6.45 -14.62
C LEU A 106 -3.90 7.58 -14.89
N GLY A 107 -4.90 7.74 -14.04
CA GLY A 107 -5.81 8.85 -14.19
C GLY A 107 -7.14 8.57 -13.50
N ILE A 108 -8.09 9.48 -13.73
CA ILE A 108 -9.43 9.41 -13.18
C ILE A 108 -10.44 9.61 -14.30
N CYS A 109 -11.46 8.76 -14.35
CA CYS A 109 -12.57 8.88 -15.28
C CYS A 109 -13.78 9.39 -14.50
N LEU A 110 -14.32 10.53 -14.92
CA LEU A 110 -15.38 11.20 -14.22
C LEU A 110 -16.69 11.00 -14.92
N ARG A 111 -17.76 10.99 -14.11
CA ARG A 111 -19.12 10.80 -14.62
C ARG A 111 -20.20 11.19 -13.60
N SER A 112 -21.04 12.17 -13.94
CA SER A 112 -22.17 12.49 -13.08
C SER A 112 -23.23 11.40 -13.19
N GLU A 113 -24.18 11.41 -12.26
CA GLU A 113 -25.07 10.26 -12.04
C GLU A 113 -24.26 9.00 -11.86
N GLY A 114 -23.25 9.10 -10.99
CA GLY A 114 -22.30 8.03 -10.80
C GLY A 114 -21.13 8.52 -9.97
N SER A 115 -20.09 7.70 -9.93
CA SER A 115 -18.93 8.03 -9.10
C SER A 115 -17.66 8.10 -9.95
N PRO A 116 -16.66 8.87 -9.52
CA PRO A 116 -15.40 8.91 -10.27
C PRO A 116 -14.68 7.57 -10.23
N LEU A 117 -14.12 7.18 -11.37
CA LEU A 117 -13.40 5.93 -11.51
C LEU A 117 -11.90 6.20 -11.47
N VAL A 118 -11.20 5.53 -10.55
CA VAL A 118 -9.76 5.66 -10.43
C VAL A 118 -9.11 4.56 -11.25
N VAL A 119 -8.18 4.93 -12.13
CA VAL A 119 -7.54 4.02 -13.06
C VAL A 119 -6.12 3.75 -12.58
N LEU A 120 -5.85 2.50 -12.21
CA LEU A 120 -4.53 2.04 -11.79
C LEU A 120 -4.05 0.95 -12.73
N PRO A 121 -2.74 0.81 -12.91
CA PRO A 121 -2.25 -0.23 -13.83
C PRO A 121 -2.40 -1.61 -13.22
N TYR A 122 -2.58 -2.58 -14.09
CA TYR A 122 -2.87 -3.95 -13.66
C TYR A 122 -1.60 -4.64 -13.18
N MET A 123 -1.75 -5.47 -12.16
CA MET A 123 -0.67 -6.29 -11.63
C MET A 123 -1.00 -7.75 -11.91
N LYS A 124 -0.13 -8.41 -12.69
CA LYS A 124 -0.43 -9.77 -13.14
C LYS A 124 -0.47 -10.74 -11.98
N HIS A 125 0.48 -10.65 -11.04
CA HIS A 125 0.62 -11.62 -9.97
C HIS A 125 -0.03 -11.15 -8.68
N GLY A 126 -0.94 -10.18 -8.74
CA GLY A 126 -1.69 -9.74 -7.58
C GLY A 126 -0.83 -9.18 -6.46
N ASP A 127 -1.37 -9.25 -5.25
CA ASP A 127 -0.67 -8.72 -4.10
C ASP A 127 0.46 -9.64 -3.66
N LEU A 128 1.44 -9.05 -2.98
CA LEU A 128 2.67 -9.77 -2.63
C LEU A 128 2.41 -10.92 -1.65
N ARG A 129 1.45 -10.77 -0.74
CA ARG A 129 1.22 -11.80 0.26
C ARG A 129 0.64 -13.06 -0.37
N ASN A 130 -0.44 -12.92 -1.14
CA ASN A 130 -1.04 -14.09 -1.79
C ASN A 130 -0.15 -14.70 -2.86
N PHE A 131 0.94 -14.01 -3.25
CA PHE A 131 1.88 -14.59 -4.19
C PHE A 131 2.88 -15.52 -3.49
N ILE A 132 3.27 -15.19 -2.27
CA ILE A 132 4.25 -16.00 -1.55
C ILE A 132 3.61 -17.07 -0.67
N ARG A 133 2.34 -16.90 -0.30
CA ARG A 133 1.61 -17.96 0.40
C ARG A 133 1.19 -19.08 -0.54
N ASN A 134 1.08 -18.80 -1.83
CA ASN A 134 0.64 -19.80 -2.80
C ASN A 134 1.63 -20.95 -2.87
N GLU A 135 1.13 -22.17 -2.64
CA GLU A 135 1.98 -23.35 -2.55
C GLU A 135 2.53 -23.82 -3.89
N THR A 136 2.29 -23.08 -4.99
CA THR A 136 2.80 -23.46 -6.30
C THR A 136 4.07 -22.70 -6.68
N HIS A 137 4.30 -21.52 -6.10
CA HIS A 137 5.49 -20.72 -6.41
C HIS A 137 6.64 -21.09 -5.50
N ASN A 138 7.86 -20.99 -6.04
CA ASN A 138 9.08 -21.31 -5.30
C ASN A 138 9.95 -20.06 -5.16
N PRO A 139 9.74 -19.27 -4.11
CA PRO A 139 10.64 -18.14 -3.85
C PRO A 139 11.79 -18.53 -2.95
N THR A 140 13.01 -18.48 -3.48
CA THR A 140 14.18 -18.72 -2.64
C THR A 140 14.31 -17.61 -1.59
N VAL A 141 15.12 -17.88 -0.57
CA VAL A 141 15.36 -16.89 0.47
C VAL A 141 15.89 -15.60 -0.14
N LYS A 142 16.73 -15.71 -1.17
CA LYS A 142 17.24 -14.52 -1.85
C LYS A 142 16.13 -13.79 -2.59
N ASP A 143 15.18 -14.53 -3.18
CA ASP A 143 14.08 -13.89 -3.88
C ASP A 143 13.19 -13.10 -2.94
N LEU A 144 12.99 -13.60 -1.71
CA LEU A 144 12.15 -12.91 -0.75
C LEU A 144 12.82 -11.64 -0.25
N ILE A 145 14.14 -11.69 -0.04
CA ILE A 145 14.86 -10.49 0.40
C ILE A 145 14.91 -9.46 -0.73
N GLY A 146 14.89 -9.91 -1.98
CA GLY A 146 14.80 -8.98 -3.09
C GLY A 146 13.50 -8.20 -3.07
N PHE A 147 12.39 -8.86 -2.70
CA PHE A 147 11.12 -8.17 -2.56
C PHE A 147 11.19 -7.11 -1.46
N GLY A 148 11.79 -7.46 -0.31
CA GLY A 148 11.90 -6.50 0.77
C GLY A 148 12.75 -5.30 0.41
N LEU A 149 13.83 -5.52 -0.35
CA LEU A 149 14.67 -4.42 -0.79
C LEU A 149 13.91 -3.46 -1.68
N GLN A 150 13.05 -3.98 -2.57
CA GLN A 150 12.25 -3.12 -3.42
C GLN A 150 11.25 -2.31 -2.61
N VAL A 151 10.62 -2.93 -1.62
CA VAL A 151 9.68 -2.22 -0.77
C VAL A 151 10.39 -1.09 -0.02
N ALA A 152 11.63 -1.34 0.41
CA ALA A 152 12.41 -0.29 1.06
C ALA A 152 12.75 0.83 0.09
N LYS A 153 12.97 0.51 -1.19
CA LYS A 153 13.20 1.55 -2.19
C LYS A 153 11.96 2.39 -2.42
N GLY A 154 10.78 1.76 -2.42
CA GLY A 154 9.55 2.50 -2.59
C GLY A 154 9.26 3.42 -1.41
N MET A 155 9.49 2.92 -0.19
CA MET A 155 9.25 3.74 0.99
C MET A 155 10.30 4.85 1.13
N LYS A 156 11.53 4.59 0.70
CA LYS A 156 12.55 5.65 0.68
C LYS A 156 12.10 6.81 -0.20
N TYR A 157 11.46 6.51 -1.33
CA TYR A 157 10.93 7.55 -2.19
C TYR A 157 9.74 8.25 -1.55
N LEU A 158 8.81 7.47 -1.00
CA LEU A 158 7.63 8.05 -0.35
C LEU A 158 8.03 8.91 0.84
N ALA A 159 8.96 8.41 1.66
CA ALA A 159 9.43 9.20 2.80
C ALA A 159 10.13 10.47 2.32
N SER A 160 10.89 10.38 1.23
CA SER A 160 11.54 11.57 0.68
C SER A 160 10.53 12.61 0.21
N LYS A 161 9.29 12.20 -0.09
CA LYS A 161 8.23 13.13 -0.42
C LYS A 161 7.37 13.50 0.79
N LYS A 162 7.87 13.25 1.99
CA LYS A 162 7.18 13.57 3.25
C LYS A 162 5.79 12.96 3.28
N PHE A 163 5.66 11.75 2.74
CA PHE A 163 4.39 11.05 2.66
C PHE A 163 4.40 9.86 3.61
N VAL A 164 3.36 9.75 4.44
CA VAL A 164 3.22 8.67 5.40
C VAL A 164 2.23 7.66 4.86
N HIS A 165 2.64 6.39 4.80
CA HIS A 165 1.79 5.35 4.26
C HIS A 165 0.71 4.92 5.26
N ARG A 166 1.11 4.69 6.51
CA ARG A 166 0.25 4.27 7.63
C ARG A 166 -0.60 3.02 7.30
N ASP A 167 -0.19 2.23 6.31
CA ASP A 167 -0.78 0.92 6.09
C ASP A 167 0.14 0.06 5.23
N LEU A 168 1.39 -0.09 5.66
CA LEU A 168 2.40 -0.83 4.89
C LEU A 168 2.40 -2.29 5.32
N ALA A 169 2.07 -3.18 4.39
CA ALA A 169 2.03 -4.61 4.67
C ALA A 169 2.16 -5.37 3.36
N ALA A 170 2.47 -6.67 3.47
CA ALA A 170 2.61 -7.50 2.29
C ALA A 170 1.31 -7.60 1.50
N ARG A 171 0.18 -7.43 2.18
CA ARG A 171 -1.11 -7.42 1.49
C ARG A 171 -1.31 -6.16 0.66
N ASN A 172 -0.52 -5.11 0.92
CA ASN A 172 -0.66 -3.83 0.23
C ASN A 172 0.42 -3.59 -0.81
N CYS A 173 1.35 -4.52 -0.99
CA CYS A 173 2.34 -4.45 -2.05
C CYS A 173 1.93 -5.37 -3.19
N MET A 174 2.38 -5.03 -4.40
CA MET A 174 1.93 -5.70 -5.62
C MET A 174 3.13 -6.14 -6.44
N LEU A 175 2.85 -7.00 -7.43
CA LEU A 175 3.86 -7.52 -8.35
C LEU A 175 3.34 -7.40 -9.77
N ASP A 176 4.15 -6.84 -10.66
CA ASP A 176 3.77 -6.72 -12.06
C ASP A 176 4.25 -7.94 -12.83
N GLU A 177 4.22 -7.84 -14.17
CA GLU A 177 4.60 -8.97 -15.02
C GLU A 177 6.10 -9.28 -14.91
N LYS A 178 6.93 -8.26 -14.79
CA LYS A 178 8.37 -8.46 -14.63
C LYS A 178 8.78 -8.70 -13.19
N PHE A 179 7.82 -9.00 -12.31
CA PHE A 179 8.08 -9.26 -10.89
C PHE A 179 8.75 -8.06 -10.22
N THR A 180 8.18 -6.88 -10.42
CA THR A 180 8.60 -5.67 -9.75
C THR A 180 7.61 -5.32 -8.65
N VAL A 181 8.11 -5.16 -7.43
CA VAL A 181 7.24 -4.87 -6.29
C VAL A 181 6.87 -3.39 -6.30
N LYS A 182 5.62 -3.09 -6.03
CA LYS A 182 5.11 -1.72 -6.03
C LYS A 182 4.26 -1.49 -4.80
N VAL A 183 4.69 -0.57 -3.95
CA VAL A 183 3.89 -0.19 -2.78
C VAL A 183 2.58 0.42 -3.26
N ALA A 184 1.48 -0.03 -2.67
CA ALA A 184 0.15 0.38 -3.10
C ALA A 184 -0.71 0.65 -1.87
N ASP A 185 -2.03 0.63 -2.06
CA ASP A 185 -3.00 0.92 -1.00
C ASP A 185 -2.70 2.27 -0.35
N PHE A 186 -2.41 3.27 -1.18
CA PHE A 186 -2.14 4.62 -0.69
C PHE A 186 -2.74 5.62 -1.67
N GLY A 187 -3.03 6.81 -1.15
CA GLY A 187 -3.62 7.84 -1.99
C GLY A 187 -5.00 7.45 -2.46
N LEU A 188 -5.26 7.66 -3.75
CA LEU A 188 -6.56 7.34 -4.33
C LEU A 188 -6.79 5.84 -4.43
N ALA A 189 -5.75 5.03 -4.30
CA ALA A 189 -5.88 3.58 -4.33
C ALA A 189 -6.08 2.99 -2.93
N ARG A 190 -6.26 3.83 -1.91
CA ARG A 190 -6.39 3.36 -0.55
C ARG A 190 -7.81 2.89 -0.27
N ASP A 191 -7.93 1.73 0.36
CA ASP A 191 -9.22 1.19 0.78
C ASP A 191 -8.96 0.10 1.82
N MET A 192 -9.96 -0.73 2.08
CA MET A 192 -9.84 -1.85 3.02
C MET A 192 -10.26 -3.12 2.28
N TYR A 193 -9.29 -3.97 1.95
CA TYR A 193 -9.55 -5.15 1.15
C TYR A 193 -9.53 -6.46 1.94
N ASP A 194 -8.89 -6.48 3.11
CA ASP A 194 -8.89 -7.64 4.00
C ASP A 194 -9.61 -7.24 5.28
N LYS A 195 -10.80 -7.79 5.49
CA LYS A 195 -11.70 -7.33 6.54
C LYS A 195 -11.49 -8.06 7.87
N GLU A 196 -10.34 -8.69 8.08
CA GLU A 196 -10.09 -9.39 9.33
C GLU A 196 -8.95 -8.81 10.15
N TYR A 197 -8.14 -7.92 9.58
CA TYR A 197 -6.96 -7.41 10.28
C TYR A 197 -7.11 -5.98 10.79
N TYR A 198 -8.19 -5.29 10.42
CA TYR A 198 -8.36 -3.89 10.76
C TYR A 198 -9.39 -3.71 11.86
N SER A 199 -9.14 -2.76 12.76
CA SER A 199 -10.07 -2.35 13.79
C SER A 199 -10.53 -0.93 13.51
N VAL A 200 -11.84 -0.73 13.43
CA VAL A 200 -12.41 0.58 13.14
C VAL A 200 -12.53 1.37 14.43
N HIS A 201 -11.94 2.57 14.44
CA HIS A 201 -12.03 3.43 15.61
C HIS A 201 -13.46 3.97 15.74
N ASN A 202 -14.03 3.83 16.93
CA ASN A 202 -15.42 4.23 17.16
C ASN A 202 -15.57 5.72 17.43
N LYS A 203 -14.47 6.45 17.62
CA LYS A 203 -14.52 7.88 17.86
C LYS A 203 -13.98 8.70 16.71
N THR A 204 -13.03 8.18 15.92
CA THR A 204 -12.46 8.89 14.79
C THR A 204 -12.73 8.24 13.45
N GLY A 205 -13.03 6.94 13.41
CA GLY A 205 -13.29 6.25 12.17
C GLY A 205 -12.07 5.73 11.44
N ALA A 206 -10.87 5.92 12.00
CA ALA A 206 -9.65 5.47 11.35
C ALA A 206 -9.57 3.94 11.35
N LYS A 207 -9.12 3.38 10.23
CA LYS A 207 -8.95 1.95 10.09
C LYS A 207 -7.51 1.59 10.43
N LEU A 208 -7.34 0.77 11.48
CA LEU A 208 -6.03 0.57 12.08
C LEU A 208 -5.57 -0.87 11.86
N PRO A 209 -4.47 -1.11 11.15
CA PRO A 209 -3.85 -2.43 11.18
C PRO A 209 -3.04 -2.63 12.46
N VAL A 210 -3.67 -3.18 13.50
CA VAL A 210 -3.06 -3.16 14.82
C VAL A 210 -1.79 -4.00 14.84
N LYS A 211 -1.80 -5.16 14.22
CA LYS A 211 -0.61 -6.02 14.20
C LYS A 211 0.48 -5.53 13.26
N TRP A 212 0.32 -4.33 12.69
CA TRP A 212 1.34 -3.72 11.85
C TRP A 212 1.77 -2.35 12.34
N MET A 213 1.06 -1.75 13.28
CA MET A 213 1.34 -0.41 13.76
C MET A 213 2.44 -0.42 14.81
N ALA A 214 3.20 0.68 14.83
CA ALA A 214 4.21 0.86 15.86
C ALA A 214 3.55 0.96 17.24
N LEU A 215 4.35 0.70 18.27
CA LEU A 215 3.84 0.77 19.63
C LEU A 215 3.25 2.15 19.94
N GLU A 216 3.98 3.21 19.56
CA GLU A 216 3.49 4.56 19.80
C GLU A 216 2.28 4.91 18.92
N SER A 217 2.06 4.17 17.84
CA SER A 217 0.90 4.42 17.01
C SER A 217 -0.37 3.81 17.60
N LEU A 218 -0.25 2.69 18.31
CA LEU A 218 -1.41 2.09 18.96
C LEU A 218 -1.89 2.92 20.14
N GLN A 219 -0.99 3.68 20.76
CA GLN A 219 -1.32 4.43 21.96
C GLN A 219 -1.92 5.80 21.67
N THR A 220 -1.52 6.45 20.58
CA THR A 220 -1.94 7.82 20.31
C THR A 220 -2.62 8.00 18.96
N GLN A 221 -2.70 6.96 18.13
CA GLN A 221 -3.41 6.99 16.85
C GLN A 221 -2.74 7.89 15.82
N LYS A 222 -1.45 8.19 15.98
CA LYS A 222 -0.72 9.01 15.04
C LYS A 222 0.27 8.17 14.25
N PHE A 223 0.61 8.65 13.06
CA PHE A 223 1.51 7.94 12.17
C PHE A 223 2.57 8.90 11.64
N THR A 224 3.83 8.53 11.78
CA THR A 224 4.96 9.30 11.28
C THR A 224 5.72 8.44 10.26
N THR A 225 6.86 8.96 9.79
CA THR A 225 7.73 8.18 8.92
C THR A 225 8.52 7.12 9.66
N LYS A 226 8.29 6.96 10.97
CA LYS A 226 8.90 5.89 11.74
C LYS A 226 7.95 4.76 12.08
N SER A 227 6.63 4.99 11.99
CA SER A 227 5.68 3.91 12.19
C SER A 227 5.60 3.00 10.95
N ASP A 228 5.82 3.56 9.76
CA ASP A 228 5.91 2.73 8.57
C ASP A 228 7.19 1.91 8.56
N VAL A 229 8.24 2.39 9.23
CA VAL A 229 9.45 1.58 9.40
C VAL A 229 9.14 0.37 10.28
N TRP A 230 8.36 0.57 11.35
CA TRP A 230 7.87 -0.56 12.13
C TRP A 230 7.07 -1.51 11.27
N SER A 231 6.09 -0.97 10.53
CA SER A 231 5.27 -1.80 9.64
C SER A 231 6.12 -2.51 8.59
N PHE A 232 7.12 -1.81 8.05
CA PHE A 232 8.05 -2.45 7.12
C PHE A 232 8.76 -3.63 7.78
N GLY A 233 8.95 -3.58 9.09
CA GLY A 233 9.50 -4.73 9.79
C GLY A 233 8.60 -5.95 9.72
N VAL A 234 7.29 -5.74 9.93
CA VAL A 234 6.34 -6.83 9.74
C VAL A 234 6.44 -7.39 8.33
N LEU A 235 6.54 -6.49 7.34
CA LEU A 235 6.61 -6.93 5.95
C LEU A 235 7.81 -7.83 5.71
N LEU A 236 8.95 -7.51 6.31
CA LEU A 236 10.11 -8.40 6.22
C LEU A 236 9.86 -9.71 6.97
N TRP A 237 9.11 -9.67 8.08
CA TRP A 237 8.78 -10.90 8.78
C TRP A 237 7.83 -11.75 7.94
N GLU A 238 6.85 -11.12 7.28
CA GLU A 238 5.93 -11.86 6.42
C GLU A 238 6.67 -12.56 5.29
N LEU A 239 7.58 -11.84 4.63
CA LEU A 239 8.32 -12.41 3.51
C LEU A 239 9.13 -13.64 3.93
N MET A 240 9.79 -13.55 5.09
CA MET A 240 10.60 -14.68 5.56
C MET A 240 9.72 -15.88 5.91
N THR A 241 8.59 -15.64 6.57
CA THR A 241 7.64 -16.70 6.88
C THR A 241 6.73 -17.04 5.71
N ARG A 242 6.97 -16.46 4.53
CA ARG A 242 6.17 -16.70 3.33
C ARG A 242 4.68 -16.48 3.60
N GLY A 243 4.38 -15.35 4.24
CA GLY A 243 3.01 -14.95 4.43
C GLY A 243 2.31 -15.53 5.63
N ALA A 244 3.02 -15.81 6.72
CA ALA A 244 2.34 -16.28 7.91
C ALA A 244 1.69 -15.10 8.63
N PRO A 245 0.57 -15.33 9.32
CA PRO A 245 -0.09 -14.24 10.05
C PRO A 245 0.72 -13.82 11.25
N PRO A 246 1.00 -12.53 11.40
CA PRO A 246 1.81 -12.08 12.52
C PRO A 246 1.07 -12.21 13.84
N TYR A 247 1.83 -12.41 14.91
CA TYR A 247 1.29 -12.54 16.26
C TYR A 247 0.11 -13.49 16.32
N PRO A 248 0.28 -14.75 15.93
CA PRO A 248 -0.87 -15.68 15.89
C PRO A 248 -1.40 -16.02 17.27
N ASP A 249 -0.54 -16.07 18.29
CA ASP A 249 -0.96 -16.42 19.64
C ASP A 249 -1.42 -15.23 20.45
N VAL A 250 -1.36 -14.02 19.91
CA VAL A 250 -1.74 -12.81 20.61
C VAL A 250 -2.91 -12.18 19.87
N ASN A 251 -4.10 -12.21 20.47
CA ASN A 251 -5.28 -11.62 19.88
C ASN A 251 -5.26 -10.11 20.04
N THR A 252 -6.10 -9.43 19.26
CA THR A 252 -5.94 -7.99 18.98
C THR A 252 -6.03 -7.09 20.21
N PHE A 253 -6.40 -7.62 21.38
CA PHE A 253 -6.46 -6.77 22.57
C PHE A 253 -5.22 -6.83 23.43
N ASP A 254 -4.35 -7.83 23.24
CA ASP A 254 -3.14 -8.01 24.02
C ASP A 254 -1.89 -7.59 23.28
N ILE A 255 -2.01 -7.18 22.01
CA ILE A 255 -0.85 -6.71 21.23
C ILE A 255 -0.16 -5.56 21.96
N THR A 256 -0.94 -4.57 22.39
CA THR A 256 -0.37 -3.37 23.00
C THR A 256 0.41 -3.72 24.26
N VAL A 257 -0.20 -4.51 25.13
CA VAL A 257 0.49 -4.98 26.32
C VAL A 257 1.61 -5.92 25.95
N TYR A 258 1.47 -6.66 24.84
CA TYR A 258 2.53 -7.57 24.41
C TYR A 258 3.76 -6.79 23.95
N LEU A 259 3.55 -5.59 23.40
CA LEU A 259 4.66 -4.82 22.87
C LEU A 259 5.29 -3.90 23.90
N LEU A 260 4.59 -3.61 24.99
CA LEU A 260 5.15 -2.79 26.06
C LEU A 260 6.20 -3.53 26.89
N GLN A 261 6.14 -4.87 26.95
CA GLN A 261 7.13 -5.65 27.70
C GLN A 261 8.45 -5.80 26.94
N GLY A 262 8.52 -5.38 25.67
CA GLY A 262 9.68 -5.63 24.84
C GLY A 262 9.59 -6.86 23.96
N ARG A 263 8.53 -7.66 24.10
CA ARG A 263 8.39 -8.85 23.27
C ARG A 263 8.18 -8.48 21.81
N ARG A 264 8.75 -9.27 20.92
CA ARG A 264 8.69 -9.02 19.49
C ARG A 264 8.42 -10.33 18.77
N LEU A 265 8.36 -10.28 17.45
CA LEU A 265 8.14 -11.48 16.66
C LEU A 265 9.41 -12.34 16.63
N LEU A 266 9.21 -13.64 16.79
CA LEU A 266 10.33 -14.58 16.80
C LEU A 266 11.02 -14.60 15.44
N GLN A 267 12.26 -15.06 15.45
N GLN A 267 12.27 -15.05 15.45
CA GLN A 267 13.03 -15.14 14.21
CA GLN A 267 13.04 -15.16 14.22
C GLN A 267 12.51 -16.30 13.36
C GLN A 267 12.53 -16.31 13.37
N PRO A 268 12.13 -16.06 12.11
CA PRO A 268 11.67 -17.16 11.26
C PRO A 268 12.77 -18.18 11.01
N GLU A 269 12.34 -19.42 10.73
CA GLU A 269 13.30 -20.52 10.64
C GLU A 269 14.32 -20.30 9.53
N TYR A 270 13.97 -19.50 8.51
CA TYR A 270 14.86 -19.26 7.39
C TYR A 270 15.14 -17.77 7.19
N CYS A 271 15.09 -17.00 8.26
CA CYS A 271 15.50 -15.60 8.21
C CYS A 271 16.95 -15.48 8.59
N PRO A 272 17.83 -15.02 7.69
CA PRO A 272 19.24 -14.85 8.06
C PRO A 272 19.38 -13.89 9.23
N ASP A 273 20.29 -14.23 10.15
CA ASP A 273 20.52 -13.43 11.35
C ASP A 273 20.71 -11.94 11.06
N PRO A 274 21.49 -11.51 10.06
CA PRO A 274 21.60 -10.06 9.81
C PRO A 274 20.28 -9.41 9.44
N LEU A 275 19.39 -10.13 8.75
CA LEU A 275 18.11 -9.53 8.39
C LEU A 275 17.17 -9.41 9.59
N TYR A 276 17.18 -10.41 10.47
CA TYR A 276 16.42 -10.30 11.70
C TYR A 276 16.89 -9.10 12.52
N GLU A 277 18.21 -8.89 12.56
CA GLU A 277 18.76 -7.70 13.21
C GLU A 277 18.14 -6.42 12.64
N VAL A 278 17.88 -6.40 11.34
CA VAL A 278 17.21 -5.25 10.73
C VAL A 278 15.78 -5.14 11.25
N MET A 279 15.12 -6.28 11.49
CA MET A 279 13.74 -6.25 11.99
C MET A 279 13.68 -5.64 13.38
N LEU A 280 14.53 -6.11 14.30
CA LEU A 280 14.52 -5.55 15.65
C LEU A 280 14.83 -4.06 15.66
N LYS A 281 15.70 -3.60 14.74
CA LYS A 281 15.95 -2.18 14.63
C LYS A 281 14.68 -1.43 14.26
N CYS A 282 13.87 -2.00 13.38
CA CYS A 282 12.60 -1.37 13.03
C CYS A 282 11.65 -1.33 14.21
N TRP A 283 11.81 -2.26 15.16
CA TRP A 283 10.92 -2.39 16.30
C TRP A 283 11.46 -1.73 17.56
N HIS A 284 12.31 -0.73 17.41
CA HIS A 284 12.79 0.00 18.57
C HIS A 284 11.62 0.70 19.24
N PRO A 285 11.52 0.67 20.57
CA PRO A 285 10.42 1.40 21.23
C PRO A 285 10.49 2.90 20.99
N LYS A 286 11.69 3.45 20.94
CA LYS A 286 11.87 4.86 20.59
C LYS A 286 11.89 4.99 19.07
N ALA A 287 10.95 5.75 18.53
CA ALA A 287 10.84 5.86 17.07
C ALA A 287 12.06 6.53 16.46
N GLU A 288 12.71 7.44 17.18
CA GLU A 288 13.87 8.15 16.66
C GLU A 288 15.11 7.27 16.57
N MET A 289 15.11 6.11 17.21
CA MET A 289 16.24 5.19 17.10
C MET A 289 16.10 4.20 15.95
N ARG A 290 14.93 4.15 15.31
CA ARG A 290 14.73 3.24 14.20
C ARG A 290 15.45 3.77 12.96
N PRO A 291 15.97 2.88 12.12
CA PRO A 291 16.66 3.34 10.91
C PRO A 291 15.70 3.94 9.91
N SER A 292 16.20 4.93 9.16
CA SER A 292 15.42 5.49 8.08
C SER A 292 15.34 4.49 6.93
N PHE A 293 14.41 4.74 6.00
CA PHE A 293 14.30 3.87 4.83
C PHE A 293 15.53 3.97 3.94
N SER A 294 16.36 4.99 4.13
CA SER A 294 17.64 5.05 3.41
C SER A 294 18.67 4.15 4.06
N GLU A 295 18.66 4.04 5.39
CA GLU A 295 19.52 3.05 6.05
C GLU A 295 19.06 1.63 5.72
N LEU A 296 17.74 1.42 5.70
CA LEU A 296 17.21 0.10 5.36
C LEU A 296 17.57 -0.31 3.94
N VAL A 297 17.57 0.65 3.01
CA VAL A 297 17.88 0.33 1.63
C VAL A 297 19.36 -0.01 1.45
N SER A 298 20.20 0.35 2.41
CA SER A 298 21.62 -0.01 2.37
C SER A 298 21.94 -1.23 3.20
N ARG A 299 21.22 -1.47 4.30
N ARG A 299 21.21 -1.47 4.29
CA ARG A 299 21.45 -2.66 5.10
CA ARG A 299 21.44 -2.65 5.10
C ARG A 299 20.91 -3.91 4.42
C ARG A 299 20.91 -3.90 4.42
N ILE A 300 19.73 -3.81 3.81
CA ILE A 300 19.13 -4.99 3.16
C ILE A 300 19.80 -5.28 1.83
N SER A 301 20.18 -4.24 1.09
CA SER A 301 20.86 -4.45 -0.19
C SER A 301 22.21 -5.15 0.01
N ALA A 302 22.89 -4.86 1.12
CA ALA A 302 24.16 -5.54 1.41
C ALA A 302 23.93 -7.01 1.72
N ILE A 303 22.87 -7.32 2.48
CA ILE A 303 22.53 -8.71 2.76
C ILE A 303 22.09 -9.41 1.48
N PHE A 304 21.43 -8.69 0.57
CA PHE A 304 20.97 -9.30 -0.67
C PHE A 304 22.12 -9.55 -1.64
N SER A 305 23.21 -8.78 -1.53
CA SER A 305 24.32 -8.91 -2.46
C SER A 305 25.29 -10.03 -2.08
N THR A 306 25.28 -10.48 -0.82
CA THR A 306 26.06 -11.65 -0.44
C THR A 306 25.58 -12.92 -1.14
N PHE A 307 24.41 -12.87 -1.78
CA PHE A 307 23.87 -14.03 -2.49
C PHE A 307 24.27 -14.02 -3.97
N ILE A 308 25.57 -14.14 -4.20
CA ILE A 308 26.08 -14.24 -5.56
C ILE A 308 26.47 -15.67 -5.86
C1 IYC B . -4.79 -2.67 -3.87
C2 IYC B . -5.92 -3.21 -4.49
C3 IYC B . -6.37 -4.48 -4.12
C4 IYC B . -5.68 -5.19 -3.15
C5 IYC B . -4.57 -4.66 -2.53
C6 IYC B . -4.12 -3.40 -2.90
C7 IYC B . -4.25 -1.29 -4.22
C8 IYC B . -6.69 -2.41 -5.55
C9 IYC B . -5.32 -2.92 -7.64
C10 IYC B . -5.80 -0.54 -7.01
C11 IYC B . -7.17 0.14 -6.84
C12 IYC B . -4.47 -2.48 -8.70
N3 IYC B . -4.19 -4.70 -9.38
O1 IYC B . -5.98 -8.40 -7.69
O2 IYC B . -7.50 -5.04 -4.72
C13 IYC B . -3.92 -3.38 -9.55
C20 IYC B . -9.30 -6.53 -4.12
N1 IYC B . -3.84 -0.25 -4.47
N2 IYC B . -5.93 -1.96 -6.73
C14 IYC B . -5.03 -5.11 -8.34
C15 IYC B . -4.39 -6.93 -9.42
C16 IYC B . -5.06 -6.37 -8.47
C17 IYC B . -5.88 -7.23 -7.50
C18 IYC B . -7.33 -7.35 -5.40
C19 IYC B . -7.79 -6.36 -4.33
F1 IYC B . -3.01 -2.87 -2.29
N4 IYC B . -5.62 -4.29 -7.44
N5 IYC B . -3.74 -5.93 -10.14
N6 IYC B . -4.32 -8.35 -9.70
N7 IYC B . -6.53 -6.62 -6.35
#